data_5Z9Q
#
_entry.id   5Z9Q
#
_cell.length_a   60.922
_cell.length_b   68.728
_cell.length_c   102.345
_cell.angle_alpha   90.00
_cell.angle_beta   90.00
_cell.angle_gamma   90.00
#
_symmetry.space_group_name_H-M   'P 21 21 21'
#
loop_
_entity.id
_entity.type
_entity.pdbx_description
1 polymer 'DNA gyrase subunit B'
2 non-polymer 'PHOSPHATE ION'
3 non-polymer 5-phenyl-1H-pyrazol-3-amine
4 non-polymer 1H-benzimidazol-2-amine
5 water water
#
_entity_poly.entity_id   1
_entity_poly.type   'polypeptide(L)'
_entity_poly.pdbx_seq_one_letter_code
;GLDAVRKRPGMYIGDTDDGTGLHHMVFEVVDNAIDEALAGHCKEIIVTIHADNSVSVQDDGRGIPTGIHPEEGVSAAEVI
MTVLHAGGKFDDNSYKVSGGLHGVGVSVVNALSQKLELVIQREGKIHRQIYEHGVPQAPLAVTGETEKTGTMVRFWPSLE
TFTNVTEFEYEILAKRLRELSFLNSGVSIRLRDKRDGKEDHFHYEGG
;
_entity_poly.pdbx_strand_id   A,B
#
loop_
_chem_comp.id
_chem_comp.type
_chem_comp.name
_chem_comp.formula
AX7 non-polymer 1H-benzimidazol-2-amine 'C7 H7 N3'
HX4 non-polymer 5-phenyl-1H-pyrazol-3-amine 'C9 H9 N3'
PO4 non-polymer 'PHOSPHATE ION' 'O4 P -3'
#
# COMPACT_ATOMS: atom_id res chain seq x y z
N LEU A 2 5.90 6.85 -3.08
CA LEU A 2 6.15 6.17 -1.76
C LEU A 2 6.42 4.66 -1.79
N ASP A 3 6.15 3.99 -2.91
CA ASP A 3 6.40 2.55 -3.00
C ASP A 3 7.85 2.14 -2.73
N ALA A 4 8.83 3.00 -3.07
CA ALA A 4 10.23 2.76 -2.71
C ALA A 4 10.44 2.62 -1.19
N VAL A 5 9.75 3.47 -0.44
CA VAL A 5 9.82 3.46 1.02
C VAL A 5 9.17 2.19 1.57
N ARG A 6 7.96 1.92 1.09
CA ARG A 6 7.20 0.75 1.53
C ARG A 6 7.96 -0.54 1.24
N LYS A 7 8.69 -0.54 0.14
CA LYS A 7 9.46 -1.71 -0.25
C LYS A 7 10.64 -2.02 0.67
N ARG A 8 11.29 -0.99 1.21
CA ARG A 8 12.45 -1.18 2.09
C ARG A 8 12.41 -0.21 3.28
N PRO A 9 11.42 -0.36 4.18
CA PRO A 9 11.23 0.70 5.19
C PRO A 9 12.47 0.97 6.06
N GLY A 10 13.18 -0.09 6.43
CA GLY A 10 14.39 0.00 7.25
C GLY A 10 15.47 0.92 6.69
N MET A 11 15.58 0.97 5.37
CA MET A 11 16.54 1.84 4.69
C MET A 11 16.22 3.34 4.79
N TYR A 12 14.95 3.68 5.04
CA TYR A 12 14.53 5.09 5.18
C TYR A 12 14.37 5.52 6.63
N ILE A 13 13.79 4.67 7.46
CA ILE A 13 13.46 5.06 8.84
C ILE A 13 14.41 4.46 9.89
N GLY A 14 15.20 3.46 9.51
CA GLY A 14 16.01 2.71 10.48
C GLY A 14 15.33 1.42 10.89
N ASP A 15 16.03 0.67 11.74
CA ASP A 15 15.63 -0.70 12.11
C ASP A 15 14.18 -0.78 12.59
N THR A 16 13.39 -1.62 11.93
CA THR A 16 11.95 -1.72 12.20
C THR A 16 11.61 -2.80 13.22
N ASP A 17 12.61 -3.47 13.78
CA ASP A 17 12.42 -4.54 14.78
C ASP A 17 12.91 -4.23 16.21
N ASP A 18 13.82 -3.28 16.39
CA ASP A 18 14.38 -3.00 17.74
C ASP A 18 13.88 -1.70 18.41
N GLY A 19 12.95 -1.01 17.75
CA GLY A 19 12.40 0.26 18.24
C GLY A 19 13.08 1.50 17.70
N THR A 20 14.18 1.32 16.97
CA THR A 20 14.95 2.42 16.41
C THR A 20 14.11 3.22 15.42
N GLY A 21 13.65 2.53 14.38
CA GLY A 21 12.82 3.16 13.36
C GLY A 21 11.54 3.72 13.92
N LEU A 22 10.93 2.98 14.85
CA LEU A 22 9.68 3.41 15.44
C LEU A 22 9.78 4.81 16.04
N HIS A 23 10.80 5.02 16.84
CA HIS A 23 11.01 6.33 17.46
C HIS A 23 11.49 7.40 16.51
N HIS A 24 12.26 7.00 15.50
N HIS A 24 12.27 7.01 15.50
CA HIS A 24 12.69 7.94 14.47
CA HIS A 24 12.68 7.95 14.44
C HIS A 24 11.50 8.54 13.71
C HIS A 24 11.49 8.57 13.72
N MET A 25 10.38 7.83 13.66
CA MET A 25 9.12 8.35 13.08
C MET A 25 8.73 9.65 13.78
N VAL A 26 8.76 9.64 15.10
CA VAL A 26 8.46 10.85 15.88
C VAL A 26 9.49 11.95 15.61
N PHE A 27 10.77 11.60 15.62
CA PHE A 27 11.83 12.60 15.48
C PHE A 27 11.76 13.31 14.13
N GLU A 28 11.36 12.57 13.10
CA GLU A 28 11.19 13.14 11.77
C GLU A 28 10.11 14.21 11.75
N VAL A 29 8.98 13.93 12.40
CA VAL A 29 7.87 14.86 12.42
C VAL A 29 8.27 16.10 13.22
N VAL A 30 8.91 15.88 14.36
CA VAL A 30 9.35 16.97 15.22
C VAL A 30 10.37 17.86 14.50
N ASP A 31 11.28 17.25 13.75
CA ASP A 31 12.27 18.01 12.96
C ASP A 31 11.60 19.00 12.03
N ASN A 32 10.55 18.54 11.37
CA ASN A 32 9.84 19.39 10.43
C ASN A 32 9.13 20.51 11.15
N ALA A 33 8.56 20.20 12.31
CA ALA A 33 7.89 21.20 13.13
C ALA A 33 8.86 22.29 13.59
N ILE A 34 10.07 21.89 13.99
CA ILE A 34 11.10 22.83 14.46
C ILE A 34 11.49 23.92 13.45
N ASP A 35 11.36 23.65 12.14
CA ASP A 35 11.46 24.74 11.14
C ASP A 35 10.17 25.55 11.11
N LYS A 43 6.59 28.08 17.82
CA LYS A 43 7.45 28.31 18.99
C LYS A 43 7.19 27.40 20.18
N GLU A 44 5.99 26.85 20.31
CA GLU A 44 5.80 25.72 21.20
C GLU A 44 5.37 24.51 20.38
N ILE A 45 6.01 23.38 20.66
CA ILE A 45 5.70 22.10 20.08
C ILE A 45 5.25 21.18 21.21
N ILE A 46 4.17 20.43 20.99
CA ILE A 46 3.67 19.48 21.98
C ILE A 46 3.65 18.09 21.35
N VAL A 47 4.42 17.18 21.95
CA VAL A 47 4.46 15.79 21.52
C VAL A 47 3.69 15.00 22.55
N THR A 48 2.66 14.30 22.07
CA THR A 48 1.77 13.51 22.93
C THR A 48 1.80 12.04 22.51
N ILE A 49 2.06 11.18 23.49
CA ILE A 49 1.93 9.75 23.31
C ILE A 49 0.52 9.41 23.78
N HIS A 50 -0.28 8.91 22.85
CA HIS A 50 -1.67 8.58 23.12
C HIS A 50 -1.79 7.13 23.60
N ALA A 51 -2.92 6.86 24.26
CA ALA A 51 -3.21 5.54 24.82
C ALA A 51 -3.36 4.44 23.76
N ASP A 52 -3.82 4.83 22.56
CA ASP A 52 -3.91 3.92 21.39
C ASP A 52 -2.58 3.71 20.65
N ASN A 53 -1.50 4.17 21.27
CA ASN A 53 -0.15 4.05 20.75
C ASN A 53 0.12 4.83 19.45
N SER A 54 -0.60 5.93 19.27
CA SER A 54 -0.30 6.90 18.24
C SER A 54 0.48 8.03 18.92
N VAL A 55 1.17 8.84 18.13
CA VAL A 55 1.81 10.03 18.64
C VAL A 55 1.30 11.21 17.83
N SER A 56 1.14 12.35 18.47
CA SER A 56 0.79 13.57 17.78
C SER A 56 1.81 14.64 18.07
N VAL A 57 2.11 15.46 17.09
CA VAL A 57 3.00 16.57 17.22
C VAL A 57 2.22 17.79 16.76
N GLN A 58 2.02 18.74 17.65
CA GLN A 58 1.35 20.00 17.39
C GLN A 58 2.30 21.15 17.55
N ASP A 59 2.16 22.14 16.70
CA ASP A 59 2.81 23.41 16.89
C ASP A 59 1.88 24.60 16.70
N ASP A 60 2.36 25.76 17.11
CA ASP A 60 1.64 27.02 16.95
C ASP A 60 2.34 27.91 15.90
N GLY A 61 2.91 27.26 14.88
CA GLY A 61 3.56 27.95 13.78
C GLY A 61 2.56 28.51 12.79
N ARG A 62 3.02 28.83 11.60
CA ARG A 62 2.18 29.48 10.58
C ARG A 62 1.21 28.53 9.90
N GLY A 63 1.40 27.22 10.06
CA GLY A 63 0.61 26.24 9.33
C GLY A 63 1.30 25.98 8.01
N ILE A 64 1.43 24.71 7.63
CA ILE A 64 2.03 24.42 6.33
C ILE A 64 1.11 24.88 5.18
N PRO A 65 1.71 25.22 4.02
CA PRO A 65 0.88 25.77 2.94
C PRO A 65 -0.19 24.78 2.48
N THR A 66 -1.39 25.32 2.24
CA THR A 66 -2.55 24.53 1.83
C THR A 66 -2.95 24.70 0.35
N GLY A 67 -2.52 25.79 -0.28
CA GLY A 67 -2.82 26.05 -1.69
C GLY A 67 -2.38 24.95 -2.66
N ILE A 68 -3.04 24.89 -3.80
CA ILE A 68 -2.72 23.89 -4.82
C ILE A 68 -1.31 24.09 -5.36
N HIS A 69 -0.56 23.00 -5.44
CA HIS A 69 0.78 23.00 -6.01
C HIS A 69 0.67 23.04 -7.54
N PRO A 70 1.16 24.14 -8.18
CA PRO A 70 0.87 24.30 -9.61
C PRO A 70 1.38 23.16 -10.54
N GLU A 71 2.44 22.47 -10.13
CA GLU A 71 2.96 21.28 -10.86
C GLU A 71 2.26 19.92 -10.55
N GLU A 72 2.03 19.62 -9.27
CA GLU A 72 1.46 18.33 -8.83
C GLU A 72 -0.06 18.33 -8.90
N GLY A 73 -0.67 19.51 -8.82
CA GLY A 73 -2.13 19.65 -8.96
C GLY A 73 -2.92 19.17 -7.76
N VAL A 74 -2.27 19.09 -6.61
CA VAL A 74 -2.94 18.80 -5.35
C VAL A 74 -2.39 19.80 -4.35
N SER A 75 -3.01 19.86 -3.16
N SER A 75 -3.01 19.85 -3.17
CA SER A 75 -2.58 20.79 -2.11
CA SER A 75 -2.57 20.71 -2.08
C SER A 75 -1.08 20.62 -1.84
C SER A 75 -1.07 20.60 -1.84
N ALA A 76 -0.40 21.72 -1.57
CA ALA A 76 1.03 21.72 -1.22
C ALA A 76 1.31 20.81 -0.02
N ALA A 77 0.38 20.81 0.95
CA ALA A 77 0.48 19.92 2.10
C ALA A 77 0.48 18.46 1.68
N GLU A 78 -0.40 18.07 0.75
CA GLU A 78 -0.40 16.69 0.24
C GLU A 78 0.92 16.34 -0.46
N VAL A 79 1.47 17.28 -1.22
CA VAL A 79 2.76 17.07 -1.88
C VAL A 79 3.83 16.76 -0.82
N ILE A 80 3.87 17.55 0.24
CA ILE A 80 4.80 17.34 1.36
C ILE A 80 4.63 15.94 1.97
N MET A 81 3.38 15.49 2.08
CA MET A 81 3.08 14.22 2.71
C MET A 81 3.27 13.00 1.80
N THR A 82 3.35 13.18 0.49
CA THR A 82 3.31 12.05 -0.46
C THR A 82 4.45 11.98 -1.46
N VAL A 83 5.34 12.98 -1.46
CA VAL A 83 6.44 13.04 -2.43
C VAL A 83 7.75 13.03 -1.68
N LEU A 84 8.64 12.12 -2.06
CA LEU A 84 9.97 12.03 -1.47
C LEU A 84 10.82 13.28 -1.71
N GLY A 103 17.59 14.80 7.05
CA GLY A 103 16.16 14.52 7.17
C GLY A 103 15.58 13.72 6.01
N VAL A 104 14.86 12.64 6.35
CA VAL A 104 14.27 11.73 5.37
C VAL A 104 12.92 12.23 4.81
N GLY A 105 12.26 13.12 5.55
CA GLY A 105 10.99 13.74 5.14
C GLY A 105 9.80 13.06 5.79
N VAL A 106 8.77 13.85 6.12
CA VAL A 106 7.55 13.28 6.73
C VAL A 106 6.79 12.35 5.80
N SER A 107 7.05 12.41 4.49
CA SER A 107 6.42 11.47 3.57
C SER A 107 6.75 10.02 3.93
N VAL A 108 7.96 9.80 4.45
CA VAL A 108 8.37 8.48 4.95
C VAL A 108 7.51 8.04 6.13
N VAL A 109 7.27 8.96 7.06
CA VAL A 109 6.44 8.68 8.23
C VAL A 109 5.03 8.28 7.78
N ASN A 110 4.52 9.06 6.84
CA ASN A 110 3.21 8.86 6.26
C ASN A 110 3.10 7.49 5.60
N ALA A 111 4.09 7.15 4.78
CA ALA A 111 4.12 5.85 4.09
C ALA A 111 4.06 4.65 5.04
N LEU A 112 4.70 4.78 6.20
CA LEU A 112 4.82 3.72 7.19
C LEU A 112 3.84 3.85 8.36
N SER A 113 2.81 4.67 8.19
CA SER A 113 1.75 4.81 9.18
C SER A 113 0.48 4.21 8.65
N GLN A 114 -0.12 3.31 9.42
CA GLN A 114 -1.42 2.77 9.02
C GLN A 114 -2.51 3.83 8.96
N LYS A 115 -2.37 4.86 9.78
CA LYS A 115 -3.22 6.05 9.67
C LYS A 115 -2.42 7.29 10.05
N LEU A 116 -2.71 8.39 9.37
CA LEU A 116 -2.09 9.68 9.70
C LEU A 116 -3.16 10.77 9.51
N GLU A 117 -3.31 11.60 10.53
CA GLU A 117 -4.23 12.72 10.54
C GLU A 117 -3.45 14.04 10.52
N LEU A 118 -3.80 14.90 9.56
CA LEU A 118 -3.16 16.20 9.38
C LEU A 118 -4.20 17.28 9.66
N VAL A 119 -3.88 18.23 10.53
CA VAL A 119 -4.73 19.39 10.78
C VAL A 119 -3.90 20.65 10.64
N ILE A 120 -4.34 21.54 9.75
CA ILE A 120 -3.64 22.80 9.50
C ILE A 120 -4.57 23.94 9.79
N GLN A 121 -4.12 24.85 10.64
CA GLN A 121 -4.83 26.07 10.95
C GLN A 121 -4.03 27.19 10.31
N ARG A 122 -4.66 27.87 9.36
CA ARG A 122 -3.96 28.87 8.56
C ARG A 122 -4.95 29.75 7.86
N GLU A 123 -4.64 31.04 7.80
CA GLU A 123 -5.44 32.04 7.07
C GLU A 123 -6.91 32.01 7.47
N GLY A 124 -7.15 31.86 8.76
CA GLY A 124 -8.48 31.87 9.33
C GLY A 124 -9.29 30.59 9.20
N LYS A 125 -8.69 29.53 8.64
CA LYS A 125 -9.39 28.27 8.35
C LYS A 125 -8.69 27.06 8.97
N ILE A 126 -9.49 26.07 9.37
CA ILE A 126 -8.99 24.78 9.80
C ILE A 126 -9.12 23.89 8.59
N HIS A 127 -8.04 23.16 8.27
CA HIS A 127 -8.02 22.22 7.18
C HIS A 127 -7.68 20.84 7.74
N ARG A 128 -8.33 19.81 7.22
CA ARG A 128 -8.06 18.46 7.68
C ARG A 128 -7.85 17.48 6.54
N GLN A 129 -7.03 16.47 6.82
CA GLN A 129 -6.86 15.38 5.85
C GLN A 129 -6.41 14.13 6.57
N ILE A 130 -6.89 12.98 6.08
CA ILE A 130 -6.57 11.67 6.62
C ILE A 130 -5.85 10.86 5.56
N TYR A 131 -4.80 10.16 5.97
CA TYR A 131 -4.10 9.20 5.14
C TYR A 131 -4.14 7.83 5.78
N GLU A 132 -4.10 6.78 4.94
CA GLU A 132 -3.88 5.42 5.42
C GLU A 132 -2.76 4.79 4.61
N HIS A 133 -1.67 4.41 5.29
CA HIS A 133 -0.52 3.81 4.61
C HIS A 133 -0.01 4.76 3.51
N GLY A 134 -0.08 6.06 3.79
CA GLY A 134 0.39 7.08 2.83
C GLY A 134 -0.57 7.50 1.73
N VAL A 135 -1.75 6.88 1.68
CA VAL A 135 -2.73 7.11 0.64
C VAL A 135 -3.77 8.11 1.18
N PRO A 136 -3.92 9.28 0.53
CA PRO A 136 -4.91 10.22 1.03
C PRO A 136 -6.32 9.66 0.83
N GLN A 137 -7.18 9.86 1.82
CA GLN A 137 -8.56 9.36 1.76
C GLN A 137 -9.51 10.35 1.09
N ALA A 138 -9.10 11.61 1.08
CA ALA A 138 -9.80 12.68 0.39
C ALA A 138 -8.81 13.86 0.26
N PRO A 139 -9.13 14.84 -0.60
CA PRO A 139 -8.27 16.03 -0.68
C PRO A 139 -8.30 16.82 0.63
N LEU A 140 -7.21 17.53 0.94
CA LEU A 140 -7.21 18.49 2.05
C LEU A 140 -8.45 19.37 1.95
N ALA A 141 -9.20 19.45 3.03
CA ALA A 141 -10.52 20.10 3.04
C ALA A 141 -10.66 21.09 4.19
N VAL A 142 -11.29 22.23 3.90
CA VAL A 142 -11.61 23.22 4.91
C VAL A 142 -12.79 22.72 5.77
N THR A 143 -12.61 22.67 7.08
CA THR A 143 -13.62 22.10 7.98
C THR A 143 -14.19 23.13 8.96
N GLY A 144 -13.68 24.35 8.94
CA GLY A 144 -14.11 25.36 9.92
C GLY A 144 -13.23 26.59 9.92
N GLU A 145 -13.59 27.50 10.82
CA GLU A 145 -12.87 28.76 11.02
C GLU A 145 -12.08 28.70 12.32
N THR A 146 -11.01 29.49 12.35
CA THR A 146 -10.17 29.59 13.54
C THR A 146 -9.39 30.89 13.51
N GLU A 147 -9.06 31.39 14.70
CA GLU A 147 -8.16 32.53 14.82
C GLU A 147 -6.71 32.10 15.11
N LYS A 148 -6.48 30.80 15.29
CA LYS A 148 -5.13 30.29 15.57
C LYS A 148 -4.43 29.81 14.31
N THR A 149 -3.12 29.59 14.43
CA THR A 149 -2.30 29.02 13.36
C THR A 149 -1.52 27.86 13.94
N GLY A 150 -1.16 26.92 13.06
CA GLY A 150 -0.36 25.79 13.49
C GLY A 150 -0.64 24.55 12.68
N THR A 151 0.19 23.55 12.90
CA THR A 151 0.06 22.26 12.21
C THR A 151 0.07 21.16 13.27
N MET A 152 -0.78 20.15 13.06
CA MET A 152 -0.83 18.99 13.90
C MET A 152 -0.75 17.77 13.00
N VAL A 153 0.17 16.85 13.34
CA VAL A 153 0.23 15.54 12.70
C VAL A 153 0.08 14.51 13.81
N ARG A 154 -0.87 13.61 13.65
CA ARG A 154 -1.03 12.44 14.51
C ARG A 154 -0.89 11.20 13.65
N PHE A 155 -0.01 10.29 14.06
CA PHE A 155 0.21 9.09 13.25
C PHE A 155 0.17 7.82 14.11
N TRP A 156 -0.32 6.75 13.48
CA TRP A 156 -0.39 5.42 14.06
C TRP A 156 0.60 4.60 13.24
N PRO A 157 1.77 4.26 13.81
CA PRO A 157 2.72 3.47 13.02
C PRO A 157 2.11 2.15 12.57
N SER A 158 2.47 1.72 11.37
CA SER A 158 1.94 0.49 10.84
C SER A 158 2.52 -0.71 11.59
N LEU A 159 1.65 -1.51 12.19
CA LEU A 159 2.07 -2.77 12.80
C LEU A 159 2.41 -3.87 11.77
N GLU A 160 2.16 -3.62 10.49
CA GLU A 160 2.70 -4.45 9.41
C GLU A 160 4.19 -4.22 9.16
N THR A 161 4.70 -3.05 9.55
CA THR A 161 6.12 -2.68 9.40
C THR A 161 6.91 -2.83 10.70
N PHE A 162 6.40 -2.23 11.77
CA PHE A 162 7.13 -2.20 13.04
C PHE A 162 6.76 -3.42 13.88
N THR A 163 7.77 -4.25 14.15
CA THR A 163 7.61 -5.52 14.85
C THR A 163 8.41 -5.51 16.15
N ASN A 164 8.02 -6.40 17.07
CA ASN A 164 8.71 -6.60 18.34
C ASN A 164 8.49 -5.41 19.29
N VAL A 165 9.24 -4.32 19.08
CA VAL A 165 9.00 -3.07 19.81
C VAL A 165 7.96 -2.28 19.03
N THR A 166 6.74 -2.26 19.53
CA THR A 166 5.64 -1.57 18.85
C THR A 166 5.05 -0.44 19.67
N GLU A 167 5.54 -0.25 20.90
CA GLU A 167 5.00 0.74 21.81
C GLU A 167 6.07 1.78 22.07
N PHE A 168 5.67 3.05 22.08
CA PHE A 168 6.64 4.13 22.31
C PHE A 168 7.10 4.14 23.77
N GLU A 169 8.38 4.38 23.95
CA GLU A 169 9.06 4.45 25.21
C GLU A 169 9.30 5.94 25.48
N TYR A 170 8.65 6.44 26.52
CA TYR A 170 8.72 7.83 26.92
C TYR A 170 10.15 8.37 26.97
N GLU A 171 11.04 7.63 27.62
CA GLU A 171 12.38 8.15 27.89
C GLU A 171 13.25 8.28 26.63
N ILE A 172 12.98 7.46 25.63
CA ILE A 172 13.67 7.56 24.34
C ILE A 172 13.28 8.88 23.67
N LEU A 173 12.00 9.21 23.72
CA LEU A 173 11.55 10.49 23.18
C LEU A 173 12.09 11.65 23.99
N ALA A 174 12.02 11.55 25.32
CA ALA A 174 12.46 12.65 26.19
C ALA A 174 13.95 12.99 26.01
N LYS A 175 14.78 11.97 25.89
CA LYS A 175 16.21 12.16 25.68
C LYS A 175 16.48 13.03 24.44
N ARG A 176 15.88 12.67 23.32
CA ARG A 176 16.09 13.40 22.05
C ARG A 176 15.52 14.82 22.08
N LEU A 177 14.30 14.96 22.57
CA LEU A 177 13.66 16.25 22.66
C LEU A 177 14.44 17.22 23.56
N ARG A 178 15.07 16.69 24.60
CA ARG A 178 15.95 17.49 25.46
C ARG A 178 17.14 18.01 24.65
N GLU A 179 17.81 17.11 23.92
CA GLU A 179 18.94 17.53 23.09
C GLU A 179 18.49 18.61 22.10
N LEU A 180 17.34 18.40 21.46
CA LEU A 180 16.80 19.37 20.51
C LEU A 180 16.52 20.74 21.11
N SER A 181 16.03 20.75 22.35
CA SER A 181 15.69 22.00 23.04
C SER A 181 16.90 22.90 23.23
N PHE A 182 18.06 22.30 23.50
CA PHE A 182 19.29 23.07 23.65
C PHE A 182 19.75 23.71 22.33
N LEU A 183 19.55 22.99 21.25
CA LEU A 183 20.01 23.44 19.95
C LEU A 183 19.08 24.47 19.35
N ASN A 184 17.79 24.42 19.72
CA ASN A 184 16.76 25.33 19.21
C ASN A 184 16.22 26.20 20.33
N SER A 185 17.01 27.21 20.68
CA SER A 185 16.84 27.97 21.91
C SER A 185 15.50 28.68 22.07
N GLY A 186 14.92 29.12 20.95
CA GLY A 186 13.61 29.78 20.96
C GLY A 186 12.37 28.91 20.92
N VAL A 187 12.51 27.58 20.99
CA VAL A 187 11.37 26.67 20.88
C VAL A 187 11.12 25.99 22.21
N SER A 188 9.86 25.98 22.63
CA SER A 188 9.42 25.28 23.82
C SER A 188 8.92 23.90 23.36
N ILE A 189 9.38 22.84 24.01
CA ILE A 189 8.91 21.48 23.68
C ILE A 189 8.28 20.82 24.90
N ARG A 190 7.01 20.45 24.76
CA ARG A 190 6.31 19.67 25.78
C ARG A 190 6.16 18.23 25.35
N LEU A 191 6.38 17.32 26.29
CA LEU A 191 6.16 15.89 26.07
C LEU A 191 5.16 15.40 27.10
N ARG A 192 4.12 14.70 26.61
CA ARG A 192 3.03 14.20 27.44
C ARG A 192 2.77 12.73 27.15
N ASP A 193 2.65 11.93 28.20
CA ASP A 193 2.27 10.54 28.04
C ASP A 193 0.87 10.35 28.64
N LYS A 194 -0.12 10.12 27.77
CA LYS A 194 -1.49 9.89 28.22
C LYS A 194 -1.73 8.50 28.82
N ARG A 195 -0.77 7.59 28.69
CA ARG A 195 -0.91 6.25 29.27
C ARG A 195 -0.71 6.24 30.77
N ASP A 196 0.14 7.16 31.28
CA ASP A 196 0.45 7.21 32.71
C ASP A 196 0.58 8.61 33.34
N GLY A 197 0.23 9.66 32.58
CA GLY A 197 0.29 11.03 33.08
C GLY A 197 1.66 11.70 33.15
N LYS A 198 2.73 11.01 32.77
CA LYS A 198 4.08 11.60 32.81
C LYS A 198 4.16 12.76 31.83
N GLU A 199 4.95 13.78 32.20
CA GLU A 199 5.11 14.94 31.35
C GLU A 199 6.42 15.64 31.63
N ASP A 200 6.91 16.33 30.61
CA ASP A 200 8.10 17.15 30.71
C ASP A 200 7.93 18.39 29.85
N HIS A 201 8.76 19.37 30.15
CA HIS A 201 8.74 20.65 29.46
C HIS A 201 10.20 21.07 29.26
N PHE A 202 10.65 20.96 28.01
CA PHE A 202 12.01 21.31 27.62
C PHE A 202 12.03 22.71 27.03
N HIS A 203 12.73 23.60 27.70
CA HIS A 203 12.87 24.96 27.20
C HIS A 203 14.17 25.55 27.75
N TYR A 204 14.97 26.12 26.85
CA TYR A 204 16.32 26.57 27.14
C TYR A 204 16.37 28.10 27.13
N LEU B 2 2.06 3.01 -8.39
CA LEU B 2 0.69 2.50 -7.99
C LEU B 2 -0.15 3.41 -7.09
N ASP B 3 0.45 4.42 -6.47
CA ASP B 3 -0.35 5.33 -5.63
C ASP B 3 -1.53 6.00 -6.35
N ALA B 4 -1.42 6.25 -7.65
CA ALA B 4 -2.56 6.78 -8.42
C ALA B 4 -3.77 5.83 -8.39
N VAL B 5 -3.51 4.53 -8.43
CA VAL B 5 -4.58 3.52 -8.35
C VAL B 5 -5.18 3.49 -6.94
N ARG B 6 -4.30 3.55 -5.94
CA ARG B 6 -4.73 3.49 -4.56
C ARG B 6 -5.60 4.69 -4.19
N LYS B 7 -5.30 5.85 -4.78
CA LYS B 7 -6.04 7.11 -4.51
C LYS B 7 -7.49 7.09 -5.01
N ARG B 8 -7.75 6.39 -6.11
CA ARG B 8 -9.09 6.32 -6.69
C ARG B 8 -9.33 4.94 -7.35
N PRO B 9 -9.48 3.89 -6.51
CA PRO B 9 -9.54 2.53 -7.06
C PRO B 9 -10.67 2.28 -8.08
N GLY B 10 -11.82 2.90 -7.83
CA GLY B 10 -12.99 2.77 -8.71
C GLY B 10 -12.76 3.19 -10.16
N MET B 11 -11.90 4.19 -10.35
CA MET B 11 -11.49 4.65 -11.69
C MET B 11 -10.80 3.56 -12.51
N TYR B 12 -10.06 2.68 -11.84
CA TYR B 12 -9.28 1.65 -12.51
C TYR B 12 -9.99 0.30 -12.61
N ILE B 13 -10.65 -0.12 -11.53
CA ILE B 13 -11.26 -1.44 -11.50
C ILE B 13 -12.79 -1.43 -11.64
N GLY B 14 -13.43 -0.29 -11.49
CA GLY B 14 -14.90 -0.21 -11.49
C GLY B 14 -15.46 -0.27 -10.08
N ASP B 15 -16.77 -0.46 -9.98
CA ASP B 15 -17.49 -0.29 -8.72
C ASP B 15 -17.00 -1.27 -7.65
N THR B 16 -16.48 -0.73 -6.54
CA THR B 16 -15.86 -1.55 -5.49
C THR B 16 -16.84 -1.96 -4.39
N ASP B 17 -18.13 -1.65 -4.59
CA ASP B 17 -19.17 -1.96 -3.61
C ASP B 17 -20.22 -2.99 -4.05
N ASP B 18 -20.47 -3.12 -5.35
CA ASP B 18 -21.54 -4.03 -5.84
C ASP B 18 -21.07 -5.35 -6.45
N GLY B 19 -19.78 -5.66 -6.33
CA GLY B 19 -19.25 -6.92 -6.83
C GLY B 19 -18.67 -6.89 -8.23
N THR B 20 -18.95 -5.84 -9.01
CA THR B 20 -18.51 -5.81 -10.41
C THR B 20 -17.00 -5.63 -10.48
N GLY B 21 -16.46 -4.67 -9.71
CA GLY B 21 -15.00 -4.51 -9.59
C GLY B 21 -14.27 -5.75 -9.11
N LEU B 22 -14.84 -6.37 -8.07
CA LEU B 22 -14.30 -7.61 -7.50
C LEU B 22 -14.11 -8.69 -8.57
N HIS B 23 -15.15 -8.92 -9.36
CA HIS B 23 -15.06 -9.90 -10.44
C HIS B 23 -14.18 -9.47 -11.60
N HIS B 24 -14.16 -8.17 -11.89
CA HIS B 24 -13.20 -7.63 -12.87
C HIS B 24 -11.75 -7.99 -12.53
N MET B 25 -11.41 -8.04 -11.23
CA MET B 25 -10.07 -8.48 -10.81
C MET B 25 -9.70 -9.83 -11.43
N VAL B 26 -10.61 -10.80 -11.31
CA VAL B 26 -10.41 -12.13 -11.91
C VAL B 26 -10.26 -12.01 -13.43
N PHE B 27 -11.16 -11.26 -14.07
CA PHE B 27 -11.16 -11.23 -15.53
C PHE B 27 -9.92 -10.55 -16.11
N GLU B 28 -9.36 -9.57 -15.39
CA GLU B 28 -8.08 -8.98 -15.81
C GLU B 28 -6.96 -10.03 -15.79
N VAL B 29 -6.88 -10.82 -14.72
CA VAL B 29 -5.82 -11.82 -14.63
C VAL B 29 -6.01 -12.88 -15.72
N VAL B 30 -7.26 -13.31 -15.92
CA VAL B 30 -7.58 -14.29 -16.97
C VAL B 30 -7.18 -13.78 -18.36
N ASP B 31 -7.50 -12.52 -18.67
CA ASP B 31 -7.14 -11.95 -19.97
C ASP B 31 -5.64 -12.06 -20.24
N ASN B 32 -4.81 -11.76 -19.25
CA ASN B 32 -3.35 -11.94 -19.37
C ASN B 32 -2.94 -13.41 -19.50
N ALA B 33 -3.60 -14.28 -18.75
CA ALA B 33 -3.37 -15.73 -18.80
C ALA B 33 -3.73 -16.35 -20.15
N ILE B 34 -4.87 -15.93 -20.70
CA ILE B 34 -5.28 -16.37 -22.05
C ILE B 34 -4.29 -15.87 -23.08
N ASP B 35 -3.89 -14.61 -22.96
CA ASP B 35 -2.81 -14.07 -23.77
C ASP B 35 -1.58 -14.98 -23.72
N GLU B 36 -1.16 -15.33 -22.50
CA GLU B 36 -0.01 -16.22 -22.25
C GLU B 36 -0.17 -17.65 -22.78
N ALA B 37 -1.39 -18.17 -22.74
CA ALA B 37 -1.68 -19.53 -23.22
C ALA B 37 -1.57 -19.64 -24.74
N LEU B 38 -1.84 -18.54 -25.47
CA LEU B 38 -1.75 -18.52 -26.94
C LEU B 38 -0.29 -18.51 -27.43
N HIS B 41 0.87 -23.76 -27.78
CA HIS B 41 0.24 -24.92 -28.44
C HIS B 41 -0.66 -25.71 -27.49
N CYS B 42 -0.10 -26.19 -26.39
CA CYS B 42 -0.88 -26.92 -25.38
C CYS B 42 -2.02 -26.10 -24.77
N LYS B 43 -1.69 -24.90 -24.30
CA LYS B 43 -2.63 -23.91 -23.77
C LYS B 43 -3.77 -24.43 -22.87
N GLU B 44 -3.53 -24.36 -21.56
CA GLU B 44 -4.57 -24.58 -20.56
C GLU B 44 -4.46 -23.49 -19.51
N ILE B 45 -5.59 -22.95 -19.12
CA ILE B 45 -5.66 -22.10 -17.94
C ILE B 45 -6.60 -22.75 -16.92
N ILE B 46 -6.26 -22.61 -15.65
CA ILE B 46 -7.05 -23.15 -14.54
C ILE B 46 -7.34 -22.00 -13.62
N VAL B 47 -8.63 -21.72 -13.41
CA VAL B 47 -9.13 -20.68 -12.51
C VAL B 47 -9.76 -21.41 -11.33
N THR B 48 -9.24 -21.15 -10.13
CA THR B 48 -9.67 -21.81 -8.90
C THR B 48 -10.14 -20.77 -7.91
N ILE B 49 -11.34 -20.97 -7.38
CA ILE B 49 -11.86 -20.16 -6.30
C ILE B 49 -11.52 -20.93 -5.05
N HIS B 50 -10.67 -20.36 -4.21
CA HIS B 50 -10.25 -21.03 -3.00
C HIS B 50 -11.24 -20.73 -1.88
N ALA B 51 -11.18 -21.55 -0.83
CA ALA B 51 -12.10 -21.43 0.30
C ALA B 51 -11.90 -20.17 1.14
N ASP B 52 -10.69 -19.61 1.12
CA ASP B 52 -10.38 -18.33 1.79
C ASP B 52 -10.78 -17.08 0.96
N ASN B 53 -11.57 -17.31 -0.09
CA ASN B 53 -11.99 -16.31 -1.08
C ASN B 53 -10.87 -15.55 -1.79
N SER B 54 -9.75 -16.24 -1.98
CA SER B 54 -8.76 -15.87 -3.00
C SER B 54 -9.11 -16.59 -4.29
N VAL B 55 -8.54 -16.11 -5.39
CA VAL B 55 -8.68 -16.77 -6.69
C VAL B 55 -7.28 -16.95 -7.24
N SER B 56 -6.99 -18.12 -7.80
CA SER B 56 -5.77 -18.33 -8.55
C SER B 56 -6.06 -18.58 -10.01
N VAL B 57 -5.12 -18.13 -10.83
CA VAL B 57 -5.17 -18.35 -12.27
C VAL B 57 -3.81 -18.93 -12.63
N GLN B 58 -3.80 -20.15 -13.13
CA GLN B 58 -2.58 -20.82 -13.62
C GLN B 58 -2.68 -20.91 -15.14
N ASP B 59 -1.55 -20.86 -15.77
CA ASP B 59 -1.40 -21.23 -17.16
C ASP B 59 -0.16 -22.07 -17.38
N ASP B 60 -0.10 -22.70 -18.52
CA ASP B 60 1.08 -23.46 -18.87
C ASP B 60 1.86 -22.80 -20.03
N GLY B 61 1.84 -21.47 -20.05
CA GLY B 61 2.54 -20.69 -21.06
C GLY B 61 4.04 -20.64 -20.80
N ARG B 62 4.69 -19.63 -21.36
CA ARG B 62 6.15 -19.53 -21.32
C ARG B 62 6.71 -19.04 -19.98
N GLY B 63 5.85 -18.45 -19.15
CA GLY B 63 6.28 -17.82 -17.92
C GLY B 63 6.63 -16.36 -18.17
N ILE B 64 6.10 -15.47 -17.33
CA ILE B 64 6.47 -14.04 -17.36
C ILE B 64 7.99 -13.92 -17.30
N PRO B 65 8.60 -13.02 -18.10
CA PRO B 65 10.06 -12.89 -18.00
C PRO B 65 10.53 -12.52 -16.60
N THR B 66 11.69 -13.04 -16.23
CA THR B 66 12.20 -12.94 -14.85
C THR B 66 13.51 -12.15 -14.71
N GLY B 67 14.21 -11.95 -15.81
CA GLY B 67 15.45 -11.20 -15.79
C GLY B 67 15.29 -9.77 -15.28
N ILE B 68 16.36 -9.26 -14.72
CA ILE B 68 16.39 -7.91 -14.16
C ILE B 68 16.27 -6.90 -15.29
N HIS B 69 15.31 -6.00 -15.13
CA HIS B 69 15.08 -4.94 -16.11
C HIS B 69 16.25 -3.95 -16.00
N PRO B 70 16.99 -3.69 -17.10
CA PRO B 70 18.22 -2.87 -16.97
C PRO B 70 18.03 -1.46 -16.38
N GLU B 71 16.88 -0.84 -16.65
CA GLU B 71 16.53 0.48 -16.13
C GLU B 71 15.97 0.47 -14.70
N GLU B 72 14.91 -0.30 -14.52
CA GLU B 72 14.16 -0.34 -13.26
C GLU B 72 14.93 -1.03 -12.14
N GLY B 73 15.85 -1.92 -12.50
CA GLY B 73 16.73 -2.58 -11.52
C GLY B 73 16.08 -3.68 -10.70
N VAL B 74 14.93 -4.19 -11.15
CA VAL B 74 14.27 -5.31 -10.51
C VAL B 74 13.80 -6.25 -11.61
N SER B 75 13.40 -7.46 -11.23
CA SER B 75 12.94 -8.45 -12.21
C SER B 75 11.85 -7.88 -13.12
N ALA B 76 11.87 -8.28 -14.38
CA ALA B 76 10.82 -7.93 -15.35
C ALA B 76 9.40 -8.22 -14.80
N ALA B 77 9.28 -9.36 -14.12
CA ALA B 77 8.01 -9.75 -13.49
C ALA B 77 7.54 -8.68 -12.51
N GLU B 78 8.46 -8.19 -11.67
CA GLU B 78 8.11 -7.13 -10.72
C GLU B 78 7.70 -5.84 -11.41
N VAL B 79 8.38 -5.48 -12.51
CA VAL B 79 7.99 -4.29 -13.26
C VAL B 79 6.54 -4.43 -13.73
N ILE B 80 6.20 -5.60 -14.28
CA ILE B 80 4.85 -5.88 -14.76
C ILE B 80 3.82 -5.75 -13.62
N MET B 81 4.19 -6.22 -12.44
CA MET B 81 3.31 -6.20 -11.28
C MET B 81 3.16 -4.84 -10.60
N THR B 82 4.10 -3.91 -10.81
CA THR B 82 4.18 -2.69 -9.99
C THR B 82 4.18 -1.37 -10.75
N VAL B 83 4.09 -1.43 -12.08
CA VAL B 83 4.14 -0.23 -12.94
C VAL B 83 2.88 -0.20 -13.78
N LEU B 84 2.18 0.92 -13.74
CA LEU B 84 0.82 1.02 -14.27
C LEU B 84 0.79 1.14 -15.81
N GLY B 103 -7.29 -3.42 -21.51
CA GLY B 103 -7.25 -3.95 -20.15
C GLY B 103 -6.47 -3.05 -19.19
N VAL B 104 -6.84 -3.09 -17.92
CA VAL B 104 -6.29 -2.21 -16.88
C VAL B 104 -4.88 -2.56 -16.41
N GLY B 105 -4.48 -3.81 -16.64
CA GLY B 105 -3.18 -4.34 -16.24
C GLY B 105 -3.25 -5.09 -14.92
N VAL B 106 -2.42 -6.10 -14.79
CA VAL B 106 -2.30 -6.86 -13.57
C VAL B 106 -1.77 -6.03 -12.41
N SER B 107 -1.06 -4.97 -12.71
CA SER B 107 -0.56 -4.08 -11.67
C SER B 107 -1.70 -3.45 -10.86
N VAL B 108 -2.82 -3.16 -11.51
CA VAL B 108 -4.01 -2.70 -10.82
C VAL B 108 -4.53 -3.76 -9.86
N VAL B 109 -4.65 -4.99 -10.33
CA VAL B 109 -5.08 -6.13 -9.49
C VAL B 109 -4.16 -6.30 -8.29
N ASN B 110 -2.85 -6.22 -8.54
CA ASN B 110 -1.87 -6.28 -7.48
C ASN B 110 -2.07 -5.19 -6.43
N ALA B 111 -2.25 -3.96 -6.90
CA ALA B 111 -2.40 -2.81 -5.98
C ALA B 111 -3.61 -2.96 -5.08
N LEU B 112 -4.68 -3.56 -5.61
CA LEU B 112 -5.94 -3.73 -4.88
C LEU B 112 -6.12 -5.10 -4.24
N SER B 113 -5.03 -5.86 -4.14
CA SER B 113 -5.03 -7.13 -3.43
C SER B 113 -4.24 -7.00 -2.16
N GLN B 114 -4.83 -7.41 -1.05
CA GLN B 114 -4.12 -7.40 0.22
C GLN B 114 -2.98 -8.40 0.24
N LYS B 115 -3.07 -9.44 -0.58
CA LYS B 115 -1.97 -10.38 -0.80
C LYS B 115 -2.03 -10.88 -2.24
N LEU B 116 -0.86 -11.07 -2.83
CA LEU B 116 -0.76 -11.68 -4.16
C LEU B 116 0.47 -12.55 -4.21
N GLU B 117 0.28 -13.79 -4.65
CA GLU B 117 1.35 -14.75 -4.80
C GLU B 117 1.60 -14.97 -6.28
N LEU B 118 2.87 -14.89 -6.64
CA LEU B 118 3.34 -15.07 -8.00
C LEU B 118 4.30 -16.24 -8.07
N VAL B 119 4.01 -17.20 -8.96
CA VAL B 119 4.90 -18.34 -9.19
C VAL B 119 5.11 -18.46 -10.70
N ILE B 120 6.37 -18.35 -11.12
CA ILE B 120 6.73 -18.44 -12.53
C ILE B 120 7.66 -19.62 -12.71
N GLN B 121 7.31 -20.49 -13.65
CA GLN B 121 8.15 -21.63 -14.03
C GLN B 121 8.69 -21.36 -15.42
N ARG B 122 10.01 -21.31 -15.53
CA ARG B 122 10.65 -20.84 -16.77
C ARG B 122 12.13 -21.19 -16.71
N GLU B 123 12.68 -21.64 -17.83
CA GLU B 123 14.12 -21.96 -17.95
C GLU B 123 14.59 -22.99 -16.91
N GLY B 124 13.72 -23.95 -16.62
CA GLY B 124 13.99 -25.02 -15.67
C GLY B 124 13.97 -24.61 -14.21
N LYS B 125 13.43 -23.41 -13.92
CA LYS B 125 13.49 -22.83 -12.58
C LYS B 125 12.12 -22.35 -12.11
N ILE B 126 11.87 -22.56 -10.82
CA ILE B 126 10.71 -22.03 -10.11
C ILE B 126 11.09 -20.70 -9.50
N HIS B 127 10.31 -19.67 -9.80
CA HIS B 127 10.49 -18.33 -9.25
C HIS B 127 9.26 -17.99 -8.42
N ARG B 128 9.47 -17.45 -7.22
CA ARG B 128 8.37 -17.11 -6.32
C ARG B 128 8.49 -15.70 -5.76
N GLN B 129 7.35 -15.04 -5.60
CA GLN B 129 7.33 -13.72 -5.01
C GLN B 129 5.96 -13.47 -4.38
N ILE B 130 5.96 -12.71 -3.29
CA ILE B 130 4.74 -12.37 -2.56
C ILE B 130 4.65 -10.86 -2.54
N TYR B 131 3.43 -10.36 -2.74
CA TYR B 131 3.12 -8.96 -2.62
C TYR B 131 2.03 -8.79 -1.56
N GLU B 132 2.02 -7.62 -0.91
CA GLU B 132 0.90 -7.20 -0.07
C GLU B 132 0.52 -5.77 -0.40
N HIS B 133 -0.72 -5.57 -0.85
CA HIS B 133 -1.20 -4.25 -1.31
C HIS B 133 -0.30 -3.66 -2.39
N GLY B 134 0.24 -4.53 -3.26
CA GLY B 134 1.11 -4.10 -4.34
C GLY B 134 2.59 -3.93 -4.02
N VAL B 135 2.97 -4.13 -2.76
CA VAL B 135 4.33 -3.95 -2.28
C VAL B 135 4.98 -5.33 -2.26
N PRO B 136 6.08 -5.50 -3.02
CA PRO B 136 6.78 -6.79 -2.96
C PRO B 136 7.43 -7.02 -1.61
N GLN B 137 7.28 -8.21 -1.07
CA GLN B 137 7.79 -8.52 0.27
C GLN B 137 9.27 -8.89 0.26
N ALA B 138 9.73 -9.34 -0.91
CA ALA B 138 11.13 -9.58 -1.20
C ALA B 138 11.29 -9.62 -2.72
N PRO B 139 12.54 -9.58 -3.23
CA PRO B 139 12.72 -9.73 -4.67
C PRO B 139 12.30 -11.11 -5.15
N LEU B 140 11.85 -11.17 -6.40
CA LEU B 140 11.62 -12.45 -7.09
C LEU B 140 12.83 -13.38 -6.88
N ALA B 141 12.54 -14.60 -6.41
CA ALA B 141 13.57 -15.54 -5.99
C ALA B 141 13.42 -16.86 -6.72
N VAL B 142 14.53 -17.42 -7.19
CA VAL B 142 14.53 -18.79 -7.69
C VAL B 142 14.59 -19.66 -6.46
N THR B 143 13.59 -20.53 -6.32
CA THR B 143 13.45 -21.41 -5.16
C THR B 143 13.57 -22.90 -5.46
N GLY B 144 13.66 -23.27 -6.72
CA GLY B 144 13.69 -24.68 -7.09
C GLY B 144 13.78 -24.91 -8.56
N GLU B 145 13.63 -26.17 -8.93
CA GLU B 145 13.71 -26.63 -10.31
C GLU B 145 12.38 -27.19 -10.78
N THR B 146 12.21 -27.20 -12.09
CA THR B 146 10.98 -27.69 -12.72
C THR B 146 11.22 -28.01 -14.20
N GLU B 147 10.50 -29.01 -14.71
CA GLU B 147 10.48 -29.29 -16.15
C GLU B 147 9.29 -28.61 -16.86
N LYS B 148 8.42 -27.97 -16.09
CA LYS B 148 7.21 -27.31 -16.62
C LYS B 148 7.45 -25.83 -16.84
N THR B 149 6.53 -25.21 -17.58
CA THR B 149 6.56 -23.77 -17.78
C THR B 149 5.18 -23.20 -17.46
N GLY B 150 5.13 -21.93 -17.07
CA GLY B 150 3.87 -21.23 -16.87
C GLY B 150 3.92 -20.18 -15.78
N THR B 151 2.79 -19.53 -15.59
CA THR B 151 2.63 -18.46 -14.60
C THR B 151 1.38 -18.72 -13.79
N MET B 152 1.51 -18.60 -12.46
CA MET B 152 0.40 -18.71 -11.54
C MET B 152 0.33 -17.42 -10.73
N VAL B 153 -0.84 -16.80 -10.72
CA VAL B 153 -1.13 -15.64 -9.86
C VAL B 153 -2.28 -16.05 -8.97
N ARG B 154 -2.08 -15.92 -7.66
CA ARG B 154 -3.16 -16.06 -6.70
C ARG B 154 -3.32 -14.75 -5.95
N PHE B 155 -4.54 -14.24 -5.88
CA PHE B 155 -4.76 -12.99 -5.19
C PHE B 155 -5.91 -13.00 -4.21
N TRP B 156 -5.72 -12.25 -3.14
CA TRP B 156 -6.70 -12.03 -2.08
C TRP B 156 -7.12 -10.56 -2.22
N PRO B 157 -8.35 -10.31 -2.71
CA PRO B 157 -8.78 -8.92 -2.87
C PRO B 157 -8.76 -8.17 -1.55
N SER B 158 -8.34 -6.92 -1.59
CA SER B 158 -8.24 -6.12 -0.37
C SER B 158 -9.63 -5.79 0.14
N LEU B 159 -9.93 -6.25 1.36
CA LEU B 159 -11.19 -5.91 2.00
C LEU B 159 -11.23 -4.47 2.51
N GLU B 160 -10.10 -3.75 2.44
CA GLU B 160 -10.10 -2.30 2.64
C GLU B 160 -10.68 -1.56 1.43
N THR B 161 -10.57 -2.18 0.24
CA THR B 161 -11.11 -1.60 -0.99
C THR B 161 -12.48 -2.17 -1.35
N PHE B 162 -12.58 -3.49 -1.35
CA PHE B 162 -13.82 -4.17 -1.79
C PHE B 162 -14.75 -4.37 -0.61
N THR B 163 -15.85 -3.65 -0.68
CA THR B 163 -16.83 -3.58 0.40
C THR B 163 -18.12 -4.22 -0.05
N ASN B 164 -18.94 -4.62 0.92
CA ASN B 164 -20.28 -5.12 0.67
C ASN B 164 -20.31 -6.51 0.00
N VAL B 165 -19.99 -6.58 -1.29
CA VAL B 165 -19.84 -7.87 -1.99
C VAL B 165 -18.35 -8.21 -1.96
N THR B 166 -17.99 -9.22 -1.17
CA THR B 166 -16.59 -9.60 -0.99
C THR B 166 -16.29 -11.05 -1.37
N GLU B 167 -17.32 -11.77 -1.80
CA GLU B 167 -17.16 -13.18 -2.17
C GLU B 167 -17.42 -13.36 -3.66
N PHE B 168 -16.65 -14.27 -4.25
CA PHE B 168 -16.76 -14.58 -5.66
C PHE B 168 -17.94 -15.50 -5.92
N GLU B 169 -18.74 -15.13 -6.91
CA GLU B 169 -19.89 -15.87 -7.38
C GLU B 169 -19.47 -16.76 -8.56
N TYR B 170 -19.54 -18.07 -8.35
CA TYR B 170 -19.13 -19.04 -9.37
C TYR B 170 -19.78 -18.79 -10.74
N GLU B 171 -21.09 -18.53 -10.74
CA GLU B 171 -21.86 -18.36 -12.00
C GLU B 171 -21.37 -17.18 -12.84
N ILE B 172 -20.94 -16.09 -12.19
CA ILE B 172 -20.41 -14.93 -12.90
C ILE B 172 -19.14 -15.31 -13.64
N LEU B 173 -18.25 -16.03 -12.96
CA LEU B 173 -17.01 -16.50 -13.58
C LEU B 173 -17.25 -17.54 -14.68
N ALA B 174 -18.14 -18.51 -14.40
CA ALA B 174 -18.40 -19.58 -15.36
C ALA B 174 -19.01 -19.08 -16.67
N LYS B 175 -19.98 -18.17 -16.57
CA LYS B 175 -20.64 -17.61 -17.75
C LYS B 175 -19.63 -16.91 -18.65
N ARG B 176 -18.83 -16.05 -18.04
CA ARG B 176 -17.80 -15.30 -18.78
C ARG B 176 -16.72 -16.17 -19.39
N LEU B 177 -16.23 -17.15 -18.64
CA LEU B 177 -15.21 -18.07 -19.16
C LEU B 177 -15.70 -18.88 -20.34
N ARG B 178 -16.96 -19.31 -20.26
CA ARG B 178 -17.59 -19.98 -21.39
C ARG B 178 -17.63 -19.08 -22.63
N GLU B 179 -18.03 -17.82 -22.46
CA GLU B 179 -18.10 -16.88 -23.60
C GLU B 179 -16.69 -16.69 -24.17
N LEU B 180 -15.70 -16.53 -23.29
CA LEU B 180 -14.29 -16.40 -23.70
C LEU B 180 -13.75 -17.59 -24.50
N SER B 181 -14.17 -18.78 -24.13
CA SER B 181 -13.69 -20.01 -24.77
C SER B 181 -13.91 -20.01 -26.26
N PHE B 182 -15.07 -19.51 -26.70
CA PHE B 182 -15.39 -19.45 -28.13
C PHE B 182 -14.55 -18.46 -28.94
N LEU B 183 -13.95 -17.48 -28.27
CA LEU B 183 -13.01 -16.55 -28.93
C LEU B 183 -11.55 -17.00 -28.88
N ASN B 184 -11.28 -18.09 -28.16
CA ASN B 184 -9.93 -18.55 -27.92
C ASN B 184 -9.82 -20.03 -28.23
N SER B 185 -9.84 -20.29 -29.53
CA SER B 185 -9.82 -21.66 -30.06
C SER B 185 -8.59 -22.43 -29.62
N GLY B 186 -8.82 -23.64 -29.12
CA GLY B 186 -7.74 -24.50 -28.69
C GLY B 186 -7.29 -24.33 -27.25
N VAL B 187 -7.73 -23.26 -26.58
CA VAL B 187 -7.37 -23.03 -25.19
C VAL B 187 -8.33 -23.80 -24.28
N SER B 188 -7.76 -24.64 -23.43
CA SER B 188 -8.53 -25.33 -22.41
C SER B 188 -8.67 -24.39 -21.20
N ILE B 189 -9.90 -24.18 -20.76
CA ILE B 189 -10.18 -23.34 -19.59
C ILE B 189 -10.93 -24.18 -18.56
N ARG B 190 -10.31 -24.38 -17.41
CA ARG B 190 -10.95 -25.08 -16.29
C ARG B 190 -11.27 -24.09 -15.18
N LEU B 191 -12.47 -24.24 -14.61
CA LEU B 191 -12.93 -23.46 -13.45
C LEU B 191 -13.22 -24.43 -12.30
N ARG B 192 -12.65 -24.16 -11.12
CA ARG B 192 -12.83 -25.01 -9.94
C ARG B 192 -13.22 -24.20 -8.73
N ASP B 193 -14.23 -24.67 -8.01
CA ASP B 193 -14.63 -24.05 -6.76
C ASP B 193 -14.30 -24.99 -5.62
N LYS B 194 -13.28 -24.64 -4.84
CA LYS B 194 -12.89 -25.44 -3.68
C LYS B 194 -13.83 -25.28 -2.47
N ARG B 195 -14.78 -24.35 -2.54
CA ARG B 195 -15.77 -24.18 -1.48
C ARG B 195 -16.78 -25.31 -1.50
N ASP B 196 -17.28 -25.66 -2.68
CA ASP B 196 -18.31 -26.71 -2.82
C ASP B 196 -17.97 -27.87 -3.77
N GLY B 197 -16.80 -27.83 -4.41
CA GLY B 197 -16.39 -28.87 -5.34
C GLY B 197 -16.92 -28.78 -6.76
N LYS B 198 -17.65 -27.71 -7.06
CA LYS B 198 -18.15 -27.47 -8.43
C LYS B 198 -16.97 -27.25 -9.39
N GLU B 199 -17.09 -27.80 -10.59
CA GLU B 199 -16.10 -27.57 -11.63
C GLU B 199 -16.72 -27.56 -13.02
N ASP B 200 -16.07 -26.81 -13.91
CA ASP B 200 -16.45 -26.76 -15.30
C ASP B 200 -15.19 -26.78 -16.16
N HIS B 201 -15.35 -27.24 -17.40
CA HIS B 201 -14.29 -27.29 -18.37
C HIS B 201 -14.80 -26.79 -19.72
N PHE B 202 -14.25 -25.66 -20.17
CA PHE B 202 -14.61 -25.03 -21.44
C PHE B 202 -13.44 -25.17 -22.38
N HIS B 203 -13.67 -25.84 -23.49
CA HIS B 203 -12.61 -26.09 -24.43
C HIS B 203 -13.17 -26.15 -25.83
N TYR B 204 -13.17 -24.99 -26.49
CA TYR B 204 -13.64 -24.86 -27.85
C TYR B 204 -12.49 -25.14 -28.82
N GLU B 205 -12.71 -26.05 -29.76
CA GLU B 205 -11.65 -26.47 -30.69
C GLU B 205 -11.80 -25.96 -32.11
N GLY B 206 -12.80 -25.11 -32.35
CA GLY B 206 -13.08 -24.60 -33.70
C GLY B 206 -11.98 -23.81 -34.35
N GLY B 207 -11.96 -23.83 -35.68
CA GLY B 207 -10.85 -23.26 -36.46
C GLY B 207 -9.72 -24.25 -36.59
P PO4 C . 8.97 -5.38 3.45
O1 PO4 C . 10.15 -6.16 2.94
O2 PO4 C . 9.45 -4.42 4.52
O3 PO4 C . 7.96 -6.32 4.05
O4 PO4 C . 8.34 -4.59 2.33
P PO4 D . -7.31 10.61 22.38
O1 PO4 D . -5.98 10.72 23.10
O2 PO4 D . -8.43 10.60 23.40
O3 PO4 D . -7.35 9.33 21.57
O4 PO4 D . -7.47 11.79 21.47
P PO4 E . -9.99 6.07 -1.17
O1 PO4 E . -8.47 5.94 -1.17
O2 PO4 E . -10.35 7.51 -1.45
O3 PO4 E . -10.54 5.68 0.17
O4 PO4 E . -10.57 5.20 -2.24
C1 HX4 F . 5.96 18.48 7.32
C2 HX4 F . 6.62 19.52 6.71
C3 HX4 F . 6.71 20.74 7.35
C4 HX4 F . 6.15 20.90 8.61
C5 HX4 F . 5.50 19.86 9.24
C6 HX4 F . 5.40 18.63 8.58
C7 HX4 F . 4.90 20.04 10.57
N8 HX4 F . 4.88 21.23 11.21
N9 HX4 F . 4.37 21.15 12.46
C10 HX4 F . 4.05 19.88 12.61
C11 HX4 F . 4.36 19.12 11.47
N12 HX4 F . 3.53 19.43 13.75
NAF AX7 G . -3.19 -1.32 3.32
CAI AX7 G . -2.21 -0.76 2.51
CAD AX7 G . -2.33 0.07 1.39
CAB AX7 G . -1.18 0.49 0.73
CAC AX7 G . 0.08 0.10 1.18
CAE AX7 G . 0.20 -0.72 2.29
CAJ AX7 G . -0.94 -1.12 2.95
NAG AX7 G . -1.15 -1.92 4.05
CAH AX7 G . -2.50 -2.01 4.24
NAA AX7 G . -3.04 -2.73 5.23
P PO4 H . -5.53 -23.78 -0.49
O1 PO4 H . -4.27 -23.73 -1.32
O2 PO4 H . -5.67 -22.51 0.33
O3 PO4 H . -5.46 -24.98 0.42
O4 PO4 H . -6.74 -23.89 -1.40
C1 HX4 I . 0.15 -10.25 -15.13
C2 HX4 I . 0.80 -9.76 -16.22
C3 HX4 I . 1.06 -10.58 -17.28
C4 HX4 I . 0.67 -11.90 -17.25
C5 HX4 I . 0.01 -12.41 -16.16
C6 HX4 I . -0.27 -11.57 -15.10
C7 HX4 I . -0.39 -13.81 -16.12
N8 HX4 I . 0.12 -14.73 -16.97
N9 HX4 I . -0.38 -15.95 -16.76
C10 HX4 I . -1.20 -15.80 -15.75
C11 HX4 I . -1.27 -14.48 -15.32
N12 HX4 I . -1.83 -16.82 -15.22
#